data_1JBU
#
_entry.id   1JBU
#
_cell.length_a   67.440
_cell.length_b   84.510
_cell.length_c   84.840
_cell.angle_alpha   90.00
_cell.angle_beta   90.00
_cell.angle_gamma   90.00
#
_symmetry.space_group_name_H-M   'P 21 21 21'
#
loop_
_entity.id
_entity.type
_entity.pdbx_description
1 polymer 'COAGULATION FACTOR VII'
2 polymer 'COAGULATION FACTOR VII'
3 polymer 'Peptide exosite inhibitor A-183'
4 non-polymer 'SULFATE ION'
5 non-polymer BENZAMIDINE
6 water water
#
loop_
_entity_poly.entity_id
_entity_poly.type
_entity_poly.pdbx_seq_one_letter_code
_entity_poly.pdbx_strand_id
1 'polypeptide(L)'
;IVGGKVCPKGECPWQVLLLVNGAQLCGGTLINTIWVVSAAHCFDKIKNWRNLIAVLGEHDLSEHDGDEQSRRVAQVIIPS
TYVPGTTNHDIALLRLHQPVVLTDHVVPLCLPERTFSERTLAFVRFSLVSGWGQLLDRGATALELMVLNVPRLMTQDCLQ
QSRKVGDSPNITEYMFCAGYSDGSKDSCKGDSGGPHATHYRGTWYLTGIVSWGQGCATVGHFGVYTRVSQYIEWLQKLMR
SEPRPGVLLRAPFP
;
H
2 'polypeptide(L)' ICVNENGGCEQYCSDHTGTKRSCRCHEGYSLLADGVSCTPTVEYPCGKIPILEKRNASKPQGR L
3 'polypeptide(L)' EEWEVLCWTWETCER X
#
# COMPACT_ATOMS: atom_id res chain seq x y z
N LYS A 5 -6.12 10.62 17.38
CA LYS A 5 -5.88 10.25 15.99
C LYS A 5 -4.38 10.29 15.65
N VAL A 6 -3.89 9.21 15.02
CA VAL A 6 -2.48 9.12 14.62
C VAL A 6 -2.18 10.21 13.60
N CYS A 7 -3.01 10.29 12.56
CA CYS A 7 -2.83 11.30 11.51
C CYS A 7 -3.66 12.54 11.82
N PRO A 8 -3.13 13.72 11.51
CA PRO A 8 -3.84 15.00 11.77
C PRO A 8 -5.18 15.06 11.05
N LYS A 9 -6.24 15.24 11.84
CA LYS A 9 -7.62 15.30 11.33
C LYS A 9 -7.97 14.01 10.62
N GLY A 10 -7.22 12.95 10.90
CA GLY A 10 -7.46 11.66 10.27
C GLY A 10 -6.97 11.60 8.83
N GLU A 11 -6.16 12.57 8.42
CA GLU A 11 -5.64 12.62 7.06
C GLU A 11 -4.15 12.21 7.03
N CYS A 12 -3.88 10.95 6.69
CA CYS A 12 -2.49 10.46 6.63
C CYS A 12 -1.80 11.04 5.38
N PRO A 13 -0.59 11.58 5.54
CA PRO A 13 0.12 12.17 4.41
C PRO A 13 0.45 11.28 3.21
N TRP A 14 0.40 9.96 3.39
CA TRP A 14 0.67 9.02 2.29
C TRP A 14 -0.60 8.59 1.56
N GLN A 15 -1.76 9.03 2.03
N GLN A 15 -1.75 9.09 2.00
CA GLN A 15 -3.01 8.64 1.39
CA GLN A 15 -3.04 8.78 1.41
C GLN A 15 -3.18 9.32 0.03
C GLN A 15 -3.20 9.37 0.01
N VAL A 16 -3.68 8.56 -0.92
CA VAL A 16 -3.91 9.03 -2.28
C VAL A 16 -5.36 8.76 -2.66
N LEU A 17 -5.94 9.71 -3.39
CA LEU A 17 -7.30 9.58 -3.91
C LEU A 17 -7.15 9.47 -5.44
N LEU A 18 -7.71 8.42 -6.00
CA LEU A 18 -7.65 8.23 -7.44
C LEU A 18 -8.99 8.66 -8.04
N LEU A 19 -8.93 9.55 -9.04
CA LEU A 19 -10.12 10.06 -9.72
C LEU A 19 -10.05 9.77 -11.21
N VAL A 20 -11.22 9.53 -11.80
CA VAL A 20 -11.37 9.29 -13.23
C VAL A 20 -12.50 10.24 -13.66
N ASN A 21 -12.23 11.14 -14.60
CA ASN A 21 -13.24 12.10 -15.05
C ASN A 21 -13.76 12.90 -13.84
N GLY A 22 -12.89 13.09 -12.84
CA GLY A 22 -13.26 13.84 -11.65
C GLY A 22 -14.06 13.07 -10.60
N ALA A 23 -14.42 11.83 -10.92
CA ALA A 23 -15.19 11.00 -9.99
C ALA A 23 -14.28 10.06 -9.21
N GLN A 24 -14.65 9.78 -7.96
CA GLN A 24 -13.86 8.88 -7.11
C GLN A 24 -13.81 7.47 -7.65
N LEU A 25 -12.59 6.95 -7.80
CA LEU A 25 -12.41 5.59 -8.28
C LEU A 25 -11.99 4.67 -7.15
N CYS A 26 -10.92 5.07 -6.47
CA CYS A 26 -10.34 4.25 -5.42
C CYS A 26 -9.33 5.08 -4.65
N GLY A 27 -8.73 4.45 -3.64
CA GLY A 27 -7.72 5.09 -2.84
C GLY A 27 -6.38 4.45 -3.23
N GLY A 28 -5.31 4.91 -2.58
CA GLY A 28 -3.99 4.39 -2.87
C GLY A 28 -2.99 4.86 -1.82
N THR A 29 -1.74 4.42 -1.96
CA THR A 29 -0.69 4.78 -1.01
C THR A 29 0.57 5.25 -1.74
N LEU A 30 1.08 6.42 -1.37
CA LEU A 30 2.31 6.94 -1.95
C LEU A 30 3.46 6.18 -1.27
N ILE A 31 4.40 5.63 -2.04
CA ILE A 31 5.54 4.92 -1.43
C ILE A 31 6.89 5.62 -1.69
N ASN A 32 6.85 6.63 -2.55
CA ASN A 32 7.99 7.48 -2.90
C ASN A 32 7.44 8.60 -3.80
N THR A 33 8.26 9.53 -4.26
CA THR A 33 7.73 10.65 -5.04
C THR A 33 7.06 10.34 -6.35
N ILE A 34 7.28 9.15 -6.89
CA ILE A 34 6.70 8.83 -8.19
C ILE A 34 5.80 7.60 -8.25
N TRP A 35 5.80 6.80 -7.20
CA TRP A 35 5.03 5.57 -7.21
C TRP A 35 3.94 5.50 -6.14
N VAL A 36 2.80 4.95 -6.54
CA VAL A 36 1.63 4.78 -5.71
C VAL A 36 1.17 3.33 -5.80
N VAL A 37 0.79 2.76 -4.66
CA VAL A 37 0.31 1.38 -4.65
C VAL A 37 -1.20 1.39 -4.38
N SER A 38 -1.95 0.65 -5.20
CA SER A 38 -3.40 0.57 -5.07
C SER A 38 -3.82 -0.90 -5.31
N ALA A 39 -5.10 -1.11 -5.57
CA ALA A 39 -5.61 -2.46 -5.81
C ALA A 39 -5.94 -2.67 -7.29
N ALA A 40 -5.64 -3.86 -7.77
CA ALA A 40 -5.91 -4.24 -9.17
C ALA A 40 -7.39 -4.19 -9.53
N HIS A 41 -8.27 -4.54 -8.59
CA HIS A 41 -9.70 -4.56 -8.88
C HIS A 41 -10.26 -3.18 -9.23
N CYS A 42 -9.50 -2.14 -8.92
CA CYS A 42 -9.91 -0.77 -9.24
C CYS A 42 -9.91 -0.56 -10.75
N PHE A 43 -9.27 -1.47 -11.48
CA PHE A 43 -9.19 -1.36 -12.93
C PHE A 43 -9.95 -2.46 -13.68
N ASP A 44 -10.88 -3.12 -12.99
CA ASP A 44 -11.69 -4.19 -13.60
C ASP A 44 -12.62 -3.69 -14.70
N LYS A 45 -13.18 -2.49 -14.52
CA LYS A 45 -14.09 -1.92 -15.50
C LYS A 45 -13.61 -0.57 -15.98
N ILE A 46 -13.27 -0.49 -17.27
CA ILE A 46 -12.79 0.77 -17.83
C ILE A 46 -13.54 1.07 -19.11
N LYS A 47 -14.21 2.22 -19.10
CA LYS A 47 -14.99 2.64 -20.25
C LYS A 47 -15.16 4.15 -20.20
N ASN A 48 -14.74 4.79 -21.29
CA ASN A 48 -14.85 6.24 -21.44
C ASN A 48 -14.04 7.05 -20.41
N TRP A 49 -12.85 6.56 -20.05
CA TRP A 49 -11.98 7.27 -19.12
C TRP A 49 -11.24 8.31 -19.95
N ARG A 50 -11.21 9.54 -19.46
CA ARG A 50 -10.52 10.61 -20.17
C ARG A 50 -9.18 10.86 -19.48
N ASN A 51 -9.02 10.27 -18.29
CA ASN A 51 -7.81 10.46 -17.52
C ASN A 51 -7.82 9.55 -16.30
N LEU A 52 -6.76 9.67 -15.48
CA LEU A 52 -6.62 8.96 -14.21
C LEU A 52 -5.72 9.91 -13.41
N ILE A 53 -6.30 10.53 -12.39
CA ILE A 53 -5.62 11.51 -11.57
C ILE A 53 -5.43 11.07 -10.13
N ALA A 54 -4.24 11.30 -9.59
CA ALA A 54 -3.92 10.98 -8.21
C ALA A 54 -3.94 12.32 -7.46
N VAL A 55 -4.70 12.39 -6.37
CA VAL A 55 -4.79 13.62 -5.59
C VAL A 55 -4.19 13.33 -4.22
N LEU A 56 -3.30 14.23 -3.78
CA LEU A 56 -2.60 14.06 -2.50
C LEU A 56 -2.73 15.33 -1.67
N GLY A 57 -2.45 15.20 -0.38
CA GLY A 57 -2.46 16.35 0.51
C GLY A 57 -3.73 16.74 1.24
N GLU A 58 -3.71 17.98 1.74
CA GLU A 58 -4.80 18.55 2.50
C GLU A 58 -6.04 18.80 1.63
N HIS A 59 -7.14 18.15 1.98
CA HIS A 59 -8.39 18.28 1.22
C HIS A 59 -9.55 18.68 2.13
N ASP A 60 -9.29 18.75 3.43
CA ASP A 60 -10.32 19.11 4.40
C ASP A 60 -9.69 19.57 5.72
N HIS A 64 -8.53 25.82 1.52
CA HIS A 64 -8.65 26.40 0.20
C HIS A 64 -7.27 26.48 -0.46
N ASP A 65 -7.04 25.59 -1.43
CA ASP A 65 -5.76 25.49 -2.16
C ASP A 65 -4.62 24.91 -1.31
N GLY A 66 -4.71 25.15 0.00
CA GLY A 66 -3.73 24.71 0.97
C GLY A 66 -3.21 23.28 0.90
N ASP A 67 -1.96 23.17 0.48
CA ASP A 67 -1.24 21.91 0.38
C ASP A 67 -1.90 20.73 -0.35
N GLU A 68 -2.44 20.98 -1.55
CA GLU A 68 -3.06 19.90 -2.33
C GLU A 68 -2.37 19.80 -3.68
N GLN A 69 -2.03 18.57 -4.06
CA GLN A 69 -1.35 18.32 -5.32
C GLN A 69 -2.06 17.25 -6.14
N SER A 70 -2.07 17.43 -7.45
CA SER A 70 -2.69 16.45 -8.33
C SER A 70 -1.68 16.02 -9.37
N ARG A 71 -1.76 14.75 -9.76
CA ARG A 71 -0.83 14.19 -10.74
C ARG A 71 -1.49 13.20 -11.65
N ARG A 72 -1.28 13.39 -12.95
CA ARG A 72 -1.80 12.45 -13.93
C ARG A 72 -1.03 11.14 -13.71
N VAL A 73 -1.73 10.01 -13.80
CA VAL A 73 -1.09 8.72 -13.63
C VAL A 73 -0.67 8.22 -15.02
N ALA A 74 0.64 8.05 -15.20
CA ALA A 74 1.19 7.60 -16.47
C ALA A 74 0.95 6.15 -16.79
N GLN A 75 1.05 5.28 -15.78
CA GLN A 75 0.92 3.85 -16.02
C GLN A 75 0.47 3.07 -14.79
N VAL A 76 -0.29 2.01 -15.06
CA VAL A 76 -0.79 1.11 -14.03
C VAL A 76 -0.32 -0.30 -14.41
N ILE A 77 0.28 -1.00 -13.46
CA ILE A 77 0.76 -2.35 -13.68
C ILE A 77 0.14 -3.31 -12.66
N ILE A 78 -0.46 -4.38 -13.15
CA ILE A 78 -1.07 -5.39 -12.31
C ILE A 78 -0.37 -6.74 -12.53
N PRO A 79 -0.35 -7.62 -11.52
CA PRO A 79 0.33 -8.91 -11.72
C PRO A 79 -0.40 -9.86 -12.66
N SER A 80 0.38 -10.71 -13.33
CA SER A 80 -0.15 -11.69 -14.27
C SER A 80 -1.11 -12.66 -13.58
N THR A 81 -0.90 -12.89 -12.29
CA THR A 81 -1.72 -13.80 -11.51
C THR A 81 -3.10 -13.26 -11.10
N TYR A 82 -3.30 -11.96 -11.25
CA TYR A 82 -4.59 -11.36 -10.89
C TYR A 82 -5.69 -11.75 -11.87
N VAL A 83 -6.87 -12.04 -11.32
CA VAL A 83 -8.03 -12.40 -12.14
C VAL A 83 -9.22 -11.57 -11.69
N PRO A 84 -9.80 -10.78 -12.60
CA PRO A 84 -10.96 -9.95 -12.24
C PRO A 84 -12.06 -10.81 -11.60
N GLY A 85 -12.62 -10.32 -10.49
CA GLY A 85 -13.68 -11.03 -9.81
C GLY A 85 -13.21 -11.94 -8.68
N THR A 86 -11.93 -12.23 -8.64
CA THR A 86 -11.35 -13.08 -7.60
C THR A 86 -10.60 -12.22 -6.57
N THR A 87 -10.84 -12.50 -5.28
CA THR A 87 -10.18 -11.77 -4.20
C THR A 87 -8.82 -12.39 -3.92
N ASN A 88 -7.85 -12.12 -4.81
CA ASN A 88 -6.50 -12.64 -4.66
C ASN A 88 -5.57 -11.80 -5.55
N HIS A 89 -4.29 -11.69 -5.17
CA HIS A 89 -3.29 -10.92 -5.95
C HIS A 89 -3.83 -9.53 -6.28
N ASP A 90 -4.61 -8.95 -5.37
CA ASP A 90 -5.25 -7.67 -5.61
C ASP A 90 -4.31 -6.48 -5.33
N ILE A 91 -3.46 -6.18 -6.29
CA ILE A 91 -2.48 -5.12 -6.17
C ILE A 91 -2.15 -4.49 -7.52
N ALA A 92 -1.91 -3.18 -7.50
CA ALA A 92 -1.56 -2.41 -8.68
C ALA A 92 -0.48 -1.39 -8.31
N LEU A 93 0.47 -1.20 -9.23
CA LEU A 93 1.55 -0.23 -9.02
C LEU A 93 1.32 0.85 -10.06
N LEU A 94 1.22 2.08 -9.59
CA LEU A 94 0.98 3.25 -10.44
C LEU A 94 2.20 4.15 -10.50
N ARG A 95 2.53 4.59 -11.72
CA ARG A 95 3.64 5.50 -11.93
C ARG A 95 3.03 6.87 -12.27
N LEU A 96 3.44 7.91 -11.54
CA LEU A 96 2.97 9.26 -11.80
C LEU A 96 3.84 9.84 -12.91
N HIS A 97 3.25 10.68 -13.77
N HIS A 97 3.24 10.69 -13.75
CA HIS A 97 3.98 11.32 -14.86
CA HIS A 97 3.97 11.32 -14.84
C HIS A 97 5.12 12.16 -14.29
C HIS A 97 5.10 12.18 -14.31
N GLN A 98 4.82 12.89 -13.22
CA GLN A 98 5.80 13.77 -12.58
C GLN A 98 5.76 13.52 -11.08
N PRO A 99 6.91 13.68 -10.40
CA PRO A 99 6.93 13.45 -8.96
C PRO A 99 6.13 14.47 -8.16
N VAL A 100 5.61 14.02 -7.02
CA VAL A 100 4.91 14.92 -6.13
C VAL A 100 6.02 15.62 -5.38
N VAL A 101 5.69 16.74 -4.74
CA VAL A 101 6.66 17.47 -3.94
C VAL A 101 6.32 17.10 -2.50
N LEU A 102 7.29 16.60 -1.75
CA LEU A 102 7.01 16.23 -0.37
C LEU A 102 6.84 17.48 0.50
N THR A 103 5.82 17.46 1.35
CA THR A 103 5.51 18.57 2.24
C THR A 103 4.97 17.98 3.55
N ASP A 104 4.56 18.85 4.47
CA ASP A 104 3.98 18.40 5.75
C ASP A 104 2.74 17.54 5.52
N HIS A 105 2.09 17.69 4.38
CA HIS A 105 0.88 16.91 4.09
C HIS A 105 1.00 15.86 2.98
N VAL A 106 2.21 15.67 2.48
CA VAL A 106 2.46 14.71 1.41
C VAL A 106 3.77 14.03 1.74
N VAL A 107 3.66 12.81 2.28
CA VAL A 107 4.83 12.03 2.67
C VAL A 107 4.55 10.58 2.32
N PRO A 108 5.57 9.87 1.80
CA PRO A 108 5.32 8.47 1.46
C PRO A 108 5.35 7.56 2.69
N LEU A 109 4.69 6.41 2.56
CA LEU A 109 4.67 5.39 3.60
C LEU A 109 5.82 4.47 3.20
N CYS A 110 6.61 3.99 4.16
CA CYS A 110 7.73 3.11 3.79
C CYS A 110 7.32 1.72 3.28
N LEU A 111 7.88 1.30 2.15
CA LEU A 111 7.66 -0.06 1.65
C LEU A 111 8.79 -0.79 2.39
N PRO A 112 8.44 -1.69 3.31
CA PRO A 112 9.48 -2.41 4.06
C PRO A 112 10.20 -3.52 3.31
N GLU A 113 11.31 -3.97 3.89
CA GLU A 113 12.05 -5.10 3.35
C GLU A 113 11.19 -6.30 3.72
N ARG A 114 11.18 -7.31 2.85
CA ARG A 114 10.37 -8.51 3.06
C ARG A 114 10.62 -9.22 4.40
N THR A 115 11.87 -9.49 4.73
CA THR A 115 12.18 -10.20 5.97
C THR A 115 11.69 -9.47 7.21
N PHE A 116 11.93 -8.17 7.27
CA PHE A 116 11.47 -7.35 8.38
C PHE A 116 9.95 -7.40 8.46
N SER A 117 9.28 -7.29 7.31
CA SER A 117 7.82 -7.30 7.30
C SER A 117 7.27 -8.63 7.81
N GLU A 118 7.86 -9.73 7.35
CA GLU A 118 7.44 -11.07 7.74
C GLU A 118 7.77 -11.46 9.17
N ARG A 119 8.93 -11.03 9.66
CA ARG A 119 9.37 -11.38 11.01
C ARG A 119 8.91 -10.43 12.09
N THR A 120 8.70 -9.17 11.74
CA THR A 120 8.33 -8.19 12.74
C THR A 120 6.97 -7.53 12.57
N LEU A 121 6.74 -6.93 11.41
CA LEU A 121 5.47 -6.24 11.16
C LEU A 121 4.26 -7.18 11.19
N ALA A 122 4.44 -8.40 10.68
CA ALA A 122 3.34 -9.37 10.65
C ALA A 122 2.82 -9.75 12.03
N PHE A 123 3.54 -9.38 13.08
CA PHE A 123 3.12 -9.70 14.44
C PHE A 123 2.62 -8.52 15.27
N VAL A 124 2.55 -7.33 14.66
CA VAL A 124 2.04 -6.17 15.39
C VAL A 124 0.52 -6.35 15.43
N ARG A 125 -0.07 -6.22 16.62
CA ARG A 125 -1.51 -6.45 16.78
C ARG A 125 -2.48 -5.55 16.03
N PHE A 126 -2.28 -4.24 16.11
CA PHE A 126 -3.15 -3.30 15.42
C PHE A 126 -2.45 -2.60 14.24
N SER A 127 -3.25 -2.16 13.27
CA SER A 127 -2.74 -1.42 12.11
C SER A 127 -3.66 -0.25 11.85
N LEU A 128 -3.15 0.71 11.08
CA LEU A 128 -3.89 1.91 10.74
C LEU A 128 -4.34 1.89 9.29
N VAL A 129 -5.65 1.90 9.08
CA VAL A 129 -6.21 1.89 7.74
C VAL A 129 -6.77 3.28 7.46
N SER A 130 -6.48 3.80 6.27
CA SER A 130 -6.94 5.12 5.84
C SER A 130 -7.89 4.98 4.66
N GLY A 131 -8.95 5.80 4.67
CA GLY A 131 -9.92 5.73 3.58
C GLY A 131 -10.58 7.06 3.26
N TRP A 132 -11.67 7.01 2.49
CA TRP A 132 -12.41 8.22 2.12
C TRP A 132 -13.90 8.02 2.29
N THR A 141 -13.61 13.09 1.99
CA THR A 141 -12.90 13.38 3.23
C THR A 141 -12.13 12.13 3.70
N ALA A 142 -10.93 12.36 4.23
CA ALA A 142 -10.09 11.27 4.72
C ALA A 142 -10.59 10.69 6.04
N LEU A 143 -10.50 9.36 6.16
CA LEU A 143 -10.92 8.65 7.36
C LEU A 143 -9.75 7.80 7.89
N GLU A 144 -9.70 7.66 9.20
CA GLU A 144 -8.68 6.89 9.88
C GLU A 144 -9.37 5.78 10.65
N LEU A 145 -8.72 4.62 10.78
CA LEU A 145 -9.32 3.50 11.49
C LEU A 145 -8.25 2.54 11.98
N MET A 146 -8.25 2.25 13.28
CA MET A 146 -7.28 1.31 13.84
C MET A 146 -7.97 -0.05 13.76
N VAL A 147 -7.29 -1.06 13.21
CA VAL A 147 -7.87 -2.39 13.04
C VAL A 147 -7.03 -3.50 13.67
N LEU A 148 -7.73 -4.52 14.18
CA LEU A 148 -7.09 -5.66 14.81
C LEU A 148 -6.81 -6.73 13.77
N ASN A 149 -5.53 -6.95 13.47
CA ASN A 149 -5.14 -7.96 12.50
C ASN A 149 -5.52 -9.37 12.93
N VAL A 150 -5.98 -10.16 11.96
CA VAL A 150 -6.36 -11.55 12.21
C VAL A 150 -5.10 -12.39 12.08
N PRO A 151 -4.72 -13.10 13.15
CA PRO A 151 -3.52 -13.96 13.18
C PRO A 151 -3.50 -14.98 12.04
N ARG A 152 -2.29 -15.35 11.62
CA ARG A 152 -2.08 -16.31 10.54
C ARG A 152 -2.89 -17.59 10.67
N LEU A 153 -2.99 -18.12 11.89
CA LEU A 153 -3.73 -19.35 12.17
C LEU A 153 -5.21 -19.27 11.80
N MET A 154 -5.80 -18.08 11.94
CA MET A 154 -7.21 -17.88 11.64
C MET A 154 -7.49 -17.36 10.23
N THR A 155 -6.44 -17.14 9.44
CA THR A 155 -6.59 -16.62 8.09
C THR A 155 -7.49 -17.45 7.18
N GLN A 156 -7.27 -18.76 7.15
CA GLN A 156 -8.07 -19.64 6.31
C GLN A 156 -9.57 -19.50 6.64
N ASP A 157 -9.89 -19.35 7.92
CA ASP A 157 -11.29 -19.19 8.32
C ASP A 157 -11.89 -17.83 8.00
N CYS A 158 -11.13 -16.76 8.21
CA CYS A 158 -11.63 -15.40 7.95
C CYS A 158 -11.83 -15.10 6.48
N LEU A 159 -11.12 -15.84 5.63
CA LEU A 159 -11.19 -15.67 4.18
C LEU A 159 -12.38 -16.38 3.53
N GLN A 160 -13.16 -17.11 4.32
CA GLN A 160 -14.31 -17.86 3.81
C GLN A 160 -15.30 -17.07 2.96
N GLN A 161 -15.79 -15.95 3.49
CA GLN A 161 -16.74 -15.13 2.74
C GLN A 161 -16.17 -14.65 1.40
N SER A 162 -14.85 -14.52 1.34
CA SER A 162 -14.17 -14.09 0.11
C SER A 162 -13.93 -15.23 -0.85
N ARG A 163 -13.90 -16.46 -0.33
N ARG A 163 -13.97 -16.45 -0.33
CA ARG A 163 -13.68 -17.65 -1.14
CA ARG A 163 -13.76 -17.65 -1.15
C ARG A 163 -14.72 -17.84 -2.24
C ARG A 163 -14.76 -17.82 -2.28
N LYS A 164 -14.30 -18.49 -3.32
CA LYS A 164 -15.15 -18.75 -4.48
C LYS A 164 -14.62 -19.96 -5.25
N VAL A 165 -15.52 -20.75 -5.79
CA VAL A 165 -15.14 -21.94 -6.55
C VAL A 165 -14.43 -21.61 -7.86
N GLY A 166 -13.35 -22.33 -8.13
CA GLY A 166 -12.59 -22.11 -9.35
C GLY A 166 -11.68 -20.89 -9.33
N ASP A 167 -11.46 -20.32 -8.14
CA ASP A 167 -10.58 -19.16 -8.04
C ASP A 167 -9.12 -19.55 -7.85
N SER A 168 -8.25 -18.55 -7.96
CA SER A 168 -6.80 -18.72 -7.83
C SER A 168 -6.39 -19.44 -6.53
N PRO A 169 -5.34 -20.27 -6.58
CA PRO A 169 -4.88 -20.97 -5.38
C PRO A 169 -4.08 -20.09 -4.42
N ASN A 170 -3.93 -20.57 -3.18
CA ASN A 170 -3.18 -19.88 -2.14
C ASN A 170 -3.66 -18.49 -1.72
N ILE A 171 -4.97 -18.30 -1.70
CA ILE A 171 -5.55 -17.03 -1.28
C ILE A 171 -5.14 -16.80 0.18
N THR A 172 -4.93 -17.89 0.91
CA THR A 172 -4.53 -17.85 2.31
C THR A 172 -3.12 -17.27 2.48
N GLU A 173 -2.31 -17.33 1.41
CA GLU A 173 -0.95 -16.82 1.46
C GLU A 173 -0.81 -15.36 1.01
N TYR A 174 -1.57 -14.97 0.00
CA TYR A 174 -1.48 -13.62 -0.55
C TYR A 174 -2.44 -12.57 0.02
N MET A 175 -3.42 -12.99 0.81
CA MET A 175 -4.40 -12.08 1.42
C MET A 175 -4.52 -12.37 2.92
N PHE A 176 -4.98 -11.37 3.69
CA PHE A 176 -5.17 -11.51 5.13
C PHE A 176 -6.36 -10.68 5.61
N CYS A 177 -6.77 -10.86 6.86
CA CYS A 177 -7.91 -10.11 7.36
C CYS A 177 -7.55 -9.25 8.54
N ALA A 178 -8.36 -8.22 8.77
CA ALA A 178 -8.15 -7.31 9.88
C ALA A 178 -9.44 -6.57 10.13
N GLY A 179 -9.77 -6.38 11.40
CA GLY A 179 -10.97 -5.65 11.75
C GLY A 179 -12.24 -6.34 11.32
N TYR A 180 -13.34 -5.61 11.41
CA TYR A 180 -14.63 -6.17 11.04
C TYR A 180 -15.58 -5.08 10.58
N SER A 181 -16.41 -5.41 9.60
CA SER A 181 -17.38 -4.48 9.05
C SER A 181 -18.77 -5.09 9.25
N ASP A 182 -19.72 -4.29 9.69
CA ASP A 182 -21.07 -4.80 9.92
C ASP A 182 -22.11 -4.16 8.98
N GLY A 183 -21.80 -2.97 8.47
CA GLY A 183 -22.72 -2.29 7.58
C GLY A 183 -22.04 -1.38 6.57
N SER A 184 -22.73 -1.10 5.48
CA SER A 184 -22.23 -0.24 4.42
C SER A 184 -22.12 1.24 4.82
N LYS A 185 -21.07 1.90 4.32
CA LYS A 185 -20.82 3.32 4.59
C LYS A 185 -20.38 3.98 3.28
N ASP A 186 -20.84 5.22 3.08
CA ASP A 186 -20.49 5.98 1.89
C ASP A 186 -19.04 6.44 1.97
N SER A 187 -18.13 5.51 1.69
CA SER A 187 -16.69 5.79 1.76
C SER A 187 -15.86 4.71 1.08
N CYS A 188 -16.52 3.67 0.57
CA CYS A 188 -15.85 2.54 -0.07
C CYS A 188 -14.97 2.81 -1.27
N LYS A 189 -15.33 3.82 -2.07
CA LYS A 189 -14.55 4.14 -3.26
C LYS A 189 -13.10 4.42 -2.91
N GLY A 190 -12.84 5.57 -2.28
CA GLY A 190 -11.48 5.90 -1.90
C GLY A 190 -10.91 4.97 -0.86
N ASP A 191 -11.77 4.30 -0.11
CA ASP A 191 -11.33 3.34 0.90
C ASP A 191 -10.61 2.20 0.19
N SER A 192 -11.25 1.68 -0.85
CA SER A 192 -10.75 0.57 -1.63
C SER A 192 -9.40 0.87 -2.30
N GLY A 193 -8.43 -0.03 -2.11
CA GLY A 193 -7.11 0.17 -2.67
C GLY A 193 -6.27 1.02 -1.73
N GLY A 194 -6.87 1.45 -0.62
CA GLY A 194 -6.19 2.30 0.34
C GLY A 194 -5.15 1.58 1.20
N PRO A 195 -4.39 2.34 2.00
CA PRO A 195 -3.36 1.76 2.85
C PRO A 195 -3.78 1.07 4.15
N HIS A 196 -3.02 0.04 4.49
CA HIS A 196 -3.12 -0.69 5.74
C HIS A 196 -1.65 -0.52 6.19
N ALA A 197 -1.43 0.37 7.15
CA ALA A 197 -0.09 0.69 7.67
C ALA A 197 0.19 0.07 9.04
N THR A 198 1.44 -0.31 9.27
CA THR A 198 1.80 -0.90 10.55
C THR A 198 2.97 -0.14 11.15
N HIS A 199 2.85 0.21 12.43
CA HIS A 199 3.84 0.98 13.14
C HIS A 199 4.88 0.11 13.86
N TYR A 200 6.14 0.55 13.82
CA TYR A 200 7.18 -0.18 14.53
C TYR A 200 8.32 0.76 14.87
N ARG A 201 8.53 0.95 16.18
N ARG A 201 8.51 0.95 16.18
CA ARG A 201 9.59 1.82 16.69
CA ARG A 201 9.53 1.80 16.75
C ARG A 201 9.71 3.18 16.03
C ARG A 201 9.71 3.17 16.07
N GLY A 202 8.60 3.90 16.00
CA GLY A 202 8.59 5.24 15.42
C GLY A 202 8.36 5.44 13.93
N THR A 203 8.27 4.37 13.15
CA THR A 203 8.06 4.49 11.70
C THR A 203 6.91 3.62 11.24
N TRP A 204 6.15 4.14 10.28
CA TRP A 204 5.00 3.44 9.70
C TRP A 204 5.42 2.77 8.39
N TYR A 205 4.90 1.56 8.15
CA TYR A 205 5.22 0.80 6.97
C TYR A 205 3.97 0.23 6.27
N LEU A 206 4.06 0.07 4.94
CA LEU A 206 2.95 -0.49 4.18
C LEU A 206 2.90 -2.01 4.34
N THR A 207 1.80 -2.50 4.90
CA THR A 207 1.62 -3.91 5.14
C THR A 207 0.42 -4.51 4.41
N GLY A 208 -0.52 -3.66 4.01
CA GLY A 208 -1.69 -4.15 3.29
C GLY A 208 -2.35 -3.16 2.34
N ILE A 209 -3.20 -3.68 1.45
CA ILE A 209 -3.95 -2.89 0.50
C ILE A 209 -5.41 -3.29 0.68
N VAL A 210 -6.29 -2.31 0.89
CA VAL A 210 -7.71 -2.60 1.08
C VAL A 210 -8.28 -3.34 -0.12
N SER A 211 -8.70 -4.58 0.09
CA SER A 211 -9.28 -5.35 -1.00
C SER A 211 -10.80 -5.34 -0.85
N TRP A 212 -11.27 -5.77 0.32
CA TRP A 212 -12.69 -5.75 0.64
C TRP A 212 -12.70 -4.99 1.96
N GLY A 213 -12.94 -3.67 1.89
CA GLY A 213 -12.89 -2.85 3.08
C GLY A 213 -14.08 -2.71 4.01
N GLN A 214 -13.84 -2.03 5.13
CA GLN A 214 -14.90 -1.79 6.10
C GLN A 214 -15.81 -0.72 5.52
N GLY A 215 -17.10 -0.90 5.70
CA GLY A 215 -18.06 0.05 5.14
C GLY A 215 -18.46 -0.40 3.75
N CYS A 216 -17.98 -1.58 3.33
CA CYS A 216 -18.32 -2.12 2.01
C CYS A 216 -19.27 -3.29 2.19
N ALA A 217 -20.33 -3.30 1.38
CA ALA A 217 -21.36 -4.33 1.42
C ALA A 217 -22.21 -4.16 2.69
N THR A 218 -23.34 -4.84 2.76
CA THR A 218 -24.21 -4.73 3.92
C THR A 218 -23.96 -5.84 4.94
N VAL A 219 -23.58 -7.02 4.45
CA VAL A 219 -23.31 -8.18 5.30
C VAL A 219 -22.07 -8.00 6.18
N GLY A 220 -22.10 -8.58 7.38
CA GLY A 220 -20.97 -8.49 8.28
C GLY A 220 -19.81 -9.28 7.73
N HIS A 221 -18.62 -8.68 7.69
CA HIS A 221 -17.45 -9.37 7.15
C HIS A 221 -16.13 -8.80 7.67
N PHE A 222 -15.10 -9.62 7.64
CA PHE A 222 -13.77 -9.17 8.06
C PHE A 222 -13.22 -8.27 6.96
N GLY A 223 -12.37 -7.32 7.33
CA GLY A 223 -11.74 -6.49 6.31
C GLY A 223 -10.74 -7.44 5.65
N VAL A 224 -10.69 -7.45 4.32
CA VAL A 224 -9.74 -8.33 3.60
C VAL A 224 -8.72 -7.43 2.91
N TYR A 225 -7.45 -7.76 3.10
CA TYR A 225 -6.35 -6.96 2.56
C TYR A 225 -5.33 -7.80 1.81
N THR A 226 -4.68 -7.21 0.81
CA THR A 226 -3.64 -7.94 0.08
C THR A 226 -2.37 -7.85 0.95
N ARG A 227 -1.72 -9.00 1.17
CA ARG A 227 -0.50 -9.05 1.99
C ARG A 227 0.65 -8.49 1.16
N VAL A 228 1.00 -7.22 1.43
CA VAL A 228 2.07 -6.56 0.68
C VAL A 228 3.45 -7.24 0.71
N SER A 229 3.79 -7.89 1.82
CA SER A 229 5.10 -8.56 1.92
C SER A 229 5.38 -9.56 0.81
N GLN A 230 4.31 -10.15 0.25
CA GLN A 230 4.44 -11.13 -0.84
C GLN A 230 4.79 -10.47 -2.17
N TYR A 231 4.61 -9.15 -2.24
CA TYR A 231 4.85 -8.42 -3.49
C TYR A 231 6.02 -7.45 -3.45
N ILE A 232 6.71 -7.35 -2.32
CA ILE A 232 7.82 -6.42 -2.20
C ILE A 232 8.87 -6.56 -3.32
N GLU A 233 9.37 -7.77 -3.57
CA GLU A 233 10.37 -8.00 -4.62
C GLU A 233 9.81 -7.61 -6.00
N TRP A 234 8.57 -8.00 -6.27
CA TRP A 234 7.89 -7.71 -7.53
C TRP A 234 7.78 -6.20 -7.76
N LEU A 235 7.38 -5.46 -6.72
CA LEU A 235 7.24 -4.01 -6.82
C LEU A 235 8.59 -3.37 -7.12
N GLN A 236 9.62 -3.80 -6.40
N GLN A 236 9.61 -3.82 -6.38
CA GLN A 236 10.94 -3.24 -6.60
CA GLN A 236 10.96 -3.29 -6.55
C GLN A 236 11.46 -3.54 -8.00
C GLN A 236 11.47 -3.56 -7.97
N LYS A 237 11.11 -4.72 -8.52
CA LYS A 237 11.52 -5.11 -9.87
C LYS A 237 10.87 -4.13 -10.86
N LEU A 238 9.58 -3.88 -10.69
CA LEU A 238 8.87 -2.97 -11.59
C LEU A 238 9.44 -1.57 -11.54
N MET A 239 9.70 -1.07 -10.33
CA MET A 239 10.20 0.29 -10.18
C MET A 239 11.60 0.53 -10.77
N ARG A 240 12.40 -0.52 -10.88
CA ARG A 240 13.75 -0.38 -11.44
C ARG A 240 13.79 -0.71 -12.94
N SER A 241 12.70 -1.27 -13.47
CA SER A 241 12.66 -1.64 -14.87
C SER A 241 12.68 -0.46 -15.84
N GLU A 242 13.13 -0.72 -17.06
CA GLU A 242 13.17 0.31 -18.09
C GLU A 242 11.72 0.61 -18.49
N PRO A 243 11.37 1.90 -18.61
CA PRO A 243 10.01 2.32 -18.98
C PRO A 243 9.53 1.75 -20.33
N ARG A 244 8.25 1.37 -20.38
CA ARG A 244 7.63 0.83 -21.58
C ARG A 244 6.37 1.65 -21.87
N PRO A 245 5.93 1.67 -23.14
CA PRO A 245 4.73 2.43 -23.53
C PRO A 245 3.48 1.71 -23.01
N GLY A 246 2.38 2.44 -22.91
CA GLY A 246 1.13 1.87 -22.45
C GLY A 246 0.73 2.43 -21.09
N VAL A 247 -0.57 2.46 -20.80
CA VAL A 247 -1.04 2.99 -19.53
C VAL A 247 -1.53 1.90 -18.57
N LEU A 248 -1.85 0.72 -19.11
CA LEU A 248 -2.30 -0.41 -18.28
C LEU A 248 -1.61 -1.66 -18.81
N LEU A 249 -0.82 -2.31 -17.95
CA LEU A 249 -0.07 -3.51 -18.34
C LEU A 249 -0.12 -4.58 -17.27
N ARG A 250 0.02 -5.83 -17.71
CA ARG A 250 0.07 -6.99 -16.82
C ARG A 250 1.54 -7.41 -16.82
N ALA A 251 2.15 -7.47 -15.64
CA ALA A 251 3.55 -7.89 -15.56
C ALA A 251 3.60 -9.25 -14.87
N PRO A 252 4.56 -10.09 -15.28
CA PRO A 252 4.68 -11.42 -14.68
C PRO A 252 4.92 -11.39 -13.18
N PHE A 253 4.25 -12.31 -12.49
CA PHE A 253 4.43 -12.46 -11.07
C PHE A 253 4.62 -13.96 -10.83
N PRO A 254 5.68 -14.35 -10.11
CA PRO A 254 6.68 -13.45 -9.51
C PRO A 254 7.57 -12.74 -10.52
N ILE B 1 20.73 -11.85 17.66
CA ILE B 1 20.03 -12.55 16.54
C ILE B 1 18.76 -11.82 16.09
N CYS B 2 18.64 -11.61 14.78
CA CYS B 2 17.50 -10.91 14.18
C CYS B 2 16.16 -11.57 14.41
N VAL B 3 16.17 -12.88 14.56
CA VAL B 3 14.94 -13.64 14.76
C VAL B 3 14.19 -13.24 16.03
N ASN B 4 14.92 -12.68 17.00
CA ASN B 4 14.29 -12.25 18.25
C ASN B 4 14.41 -10.76 18.54
N GLU B 5 13.27 -10.12 18.77
CA GLU B 5 13.20 -8.68 19.07
C GLU B 5 13.85 -7.81 17.99
N ASN B 6 13.93 -8.36 16.78
CA ASN B 6 14.51 -7.70 15.61
C ASN B 6 15.97 -7.32 15.86
N GLY B 7 16.65 -8.13 16.68
CA GLY B 7 18.05 -7.87 17.01
C GLY B 7 18.22 -6.60 17.81
N GLY B 8 17.11 -6.02 18.24
CA GLY B 8 17.16 -4.76 18.98
C GLY B 8 17.30 -3.58 18.03
N CYS B 9 17.25 -3.87 16.73
CA CYS B 9 17.37 -2.85 15.68
C CYS B 9 16.09 -2.03 15.55
N GLU B 10 16.24 -0.71 15.36
CA GLU B 10 15.08 0.15 15.22
C GLU B 10 14.34 -0.14 13.92
N GLN B 11 15.09 -0.39 12.85
CA GLN B 11 14.50 -0.68 11.54
C GLN B 11 14.87 -2.07 11.02
N TYR B 12 15.90 -2.16 10.20
CA TYR B 12 16.28 -3.47 9.63
C TYR B 12 17.39 -4.19 10.39
N CYS B 13 17.37 -5.52 10.30
CA CYS B 13 18.33 -6.38 10.98
C CYS B 13 18.87 -7.46 10.05
N SER B 14 20.19 -7.60 10.03
CA SER B 14 20.87 -8.61 9.20
C SER B 14 21.69 -9.55 10.08
N ASP B 15 21.54 -10.85 9.87
CA ASP B 15 22.30 -11.84 10.64
C ASP B 15 23.64 -12.20 10.01
N HIS B 16 24.56 -12.62 10.87
CA HIS B 16 25.90 -13.01 10.44
C HIS B 16 26.33 -14.29 11.17
N THR B 17 26.93 -15.20 10.42
CA THR B 17 27.39 -16.49 10.98
C THR B 17 28.40 -16.35 12.10
N GLY B 18 29.46 -15.59 11.86
CA GLY B 18 30.49 -15.38 12.86
C GLY B 18 30.08 -14.40 13.94
N THR B 19 30.42 -13.13 13.74
CA THR B 19 30.12 -12.06 14.70
C THR B 19 28.61 -11.82 14.88
N LYS B 20 28.26 -10.85 15.72
CA LYS B 20 26.87 -10.52 15.98
C LYS B 20 26.15 -9.86 14.80
N ARG B 21 24.84 -9.76 14.91
CA ARG B 21 24.00 -9.13 13.89
C ARG B 21 24.34 -7.66 13.74
N SER B 22 24.02 -7.11 12.57
CA SER B 22 24.23 -5.70 12.30
C SER B 22 22.86 -5.10 11.96
N CYS B 23 22.65 -3.85 12.32
CA CYS B 23 21.39 -3.17 12.02
C CYS B 23 21.56 -2.25 10.83
N ARG B 24 20.47 -2.02 10.11
CA ARG B 24 20.47 -1.13 8.95
C ARG B 24 19.23 -0.26 8.97
N CYS B 25 19.18 0.69 8.04
CA CYS B 25 18.07 1.62 7.97
C CYS B 25 17.47 1.66 6.58
N HIS B 26 16.21 2.07 6.51
CA HIS B 26 15.50 2.23 5.25
C HIS B 26 16.10 3.45 4.54
N GLU B 27 15.89 3.53 3.23
CA GLU B 27 16.37 4.66 2.45
C GLU B 27 15.79 5.94 3.10
N GLY B 28 16.59 7.00 3.17
CA GLY B 28 16.12 8.23 3.78
C GLY B 28 16.48 8.32 5.26
N TYR B 29 17.12 7.27 5.78
CA TYR B 29 17.56 7.21 7.18
C TYR B 29 19.01 6.71 7.22
N SER B 30 19.68 6.94 8.33
CA SER B 30 21.06 6.50 8.49
C SER B 30 21.31 6.04 9.92
N LEU B 31 22.16 5.04 10.08
CA LEU B 31 22.46 4.48 11.39
C LEU B 31 23.34 5.39 12.28
N LEU B 32 22.93 5.54 13.54
CA LEU B 32 23.67 6.35 14.50
C LEU B 32 24.77 5.49 15.18
N ALA B 33 25.56 6.10 16.04
CA ALA B 33 26.66 5.39 16.70
C ALA B 33 26.29 4.18 17.56
N ASP B 34 25.10 4.21 18.16
CA ASP B 34 24.68 3.09 19.00
C ASP B 34 24.50 1.82 18.19
N GLY B 35 24.61 1.94 16.87
CA GLY B 35 24.49 0.80 15.99
C GLY B 35 23.10 0.20 15.83
N VAL B 36 22.10 0.82 16.46
CA VAL B 36 20.73 0.29 16.35
C VAL B 36 19.68 1.33 15.91
N SER B 37 19.91 2.60 16.25
CA SER B 37 18.97 3.68 15.91
C SER B 37 19.18 4.30 14.53
N CYS B 38 18.08 4.74 13.93
CA CYS B 38 18.12 5.35 12.61
C CYS B 38 17.63 6.79 12.69
N THR B 39 18.33 7.70 12.02
CA THR B 39 17.94 9.11 12.02
C THR B 39 17.69 9.54 10.57
N PRO B 40 16.70 10.42 10.34
CA PRO B 40 16.42 10.86 8.97
C PRO B 40 17.56 11.64 8.34
N THR B 41 17.77 11.38 7.05
CA THR B 41 18.80 12.08 6.28
C THR B 41 18.11 12.92 5.21
N VAL B 42 16.78 12.98 5.27
CA VAL B 42 15.98 13.81 4.37
C VAL B 42 14.95 14.51 5.24
N GLU B 43 14.39 15.61 4.73
CA GLU B 43 13.41 16.38 5.46
C GLU B 43 12.08 15.66 5.67
N TYR B 44 11.68 14.86 4.68
CA TYR B 44 10.42 14.13 4.76
C TYR B 44 10.65 12.64 4.55
N PRO B 45 11.22 11.98 5.56
CA PRO B 45 11.48 10.54 5.46
C PRO B 45 10.16 9.79 5.46
N CYS B 46 10.15 8.65 4.77
CA CYS B 46 8.95 7.83 4.70
C CYS B 46 8.50 7.35 6.07
N GLY B 47 7.19 7.18 6.21
CA GLY B 47 6.63 6.65 7.44
C GLY B 47 6.58 7.50 8.69
N LYS B 48 6.80 8.80 8.56
CA LYS B 48 6.73 9.71 9.70
C LYS B 48 5.81 10.86 9.39
N ILE B 49 4.93 11.15 10.34
CA ILE B 49 3.96 12.23 10.24
C ILE B 49 4.67 13.50 10.71
N PRO B 50 4.92 14.44 9.79
CA PRO B 50 5.60 15.72 10.08
C PRO B 50 4.98 16.51 11.22
N ILE B 51 3.66 16.64 11.16
CA ILE B 51 2.86 17.38 12.13
C ILE B 51 3.15 17.00 13.59
N LEU B 52 3.04 15.72 13.87
CA LEU B 52 3.29 15.19 15.22
C LEU B 52 4.68 15.55 15.76
N GLU B 53 5.58 15.91 14.86
CA GLU B 53 6.95 16.28 15.23
C GLU B 53 7.31 17.71 14.81
N LYS B 54 6.38 18.36 14.10
CA LYS B 54 6.55 19.74 13.60
C LYS B 54 5.19 20.09 12.98
N GLU C 1 11.94 -8.76 -19.47
CA GLU C 1 10.77 -9.67 -19.47
C GLU C 1 9.63 -9.12 -20.33
N GLU C 2 8.63 -9.95 -20.61
CA GLU C 2 7.49 -9.54 -21.41
C GLU C 2 6.22 -9.26 -20.61
N TRP C 3 5.70 -8.05 -20.78
CA TRP C 3 4.48 -7.64 -20.10
C TRP C 3 3.39 -7.53 -21.17
N GLU C 4 2.16 -7.85 -20.81
CA GLU C 4 1.06 -7.73 -21.75
C GLU C 4 0.44 -6.33 -21.66
N VAL C 5 0.37 -5.63 -22.79
CA VAL C 5 -0.23 -4.28 -22.81
C VAL C 5 -1.74 -4.41 -22.97
N LEU C 6 -2.49 -3.84 -22.02
CA LEU C 6 -3.95 -3.90 -22.06
C LEU C 6 -4.57 -2.62 -22.60
N CYS C 7 -3.86 -1.50 -22.46
CA CYS C 7 -4.33 -0.23 -22.97
C CYS C 7 -3.15 0.66 -23.31
N TRP C 8 -3.25 1.35 -24.45
CA TRP C 8 -2.18 2.24 -24.90
C TRP C 8 -2.29 3.63 -24.28
N THR C 9 -3.51 4.17 -24.23
CA THR C 9 -3.79 5.49 -23.63
C THR C 9 -5.09 5.38 -22.86
N TRP C 10 -5.34 6.32 -21.94
CA TRP C 10 -6.58 6.25 -21.16
C TRP C 10 -7.80 6.43 -22.06
N GLU C 11 -7.70 7.32 -23.03
CA GLU C 11 -8.83 7.60 -23.96
C GLU C 11 -9.25 6.40 -24.80
N THR C 12 -8.30 5.51 -25.10
CA THR C 12 -8.58 4.32 -25.90
C THR C 12 -8.69 3.06 -25.07
N CYS C 13 -8.65 3.21 -23.74
CA CYS C 13 -8.70 2.06 -22.85
C CYS C 13 -10.10 1.50 -22.65
N GLU C 14 -10.20 0.18 -22.80
CA GLU C 14 -11.46 -0.55 -22.61
C GLU C 14 -11.07 -1.78 -21.82
N ARG C 15 -11.85 -2.12 -20.81
CA ARG C 15 -11.56 -3.26 -19.96
C ARG C 15 -12.87 -3.74 -19.34
#